data_7NHJ
#
_entry.id   7NHJ
#
_cell.length_a   64.180
_cell.length_b   64.180
_cell.length_c   225.500
_cell.angle_alpha   90.000
_cell.angle_beta   90.000
_cell.angle_gamma   120.000
#
_symmetry.space_group_name_H-M   'P 32 2 1'
#
loop_
_entity.id
_entity.type
_entity.pdbx_description
1 polymer 'N6-adenosine-methyltransferase catalytic subunit'
2 polymer 'N6-adenosine-methyltransferase non-catalytic subunit'
3 non-polymer (S)-3-(((6-(3-(hydroxymethyl)piperidin-1-yl)pyrimidin-4-yl)amino)methyl)benzenesulfonamide
4 non-polymer 'ACETATE ION'
5 water water
#
loop_
_entity_poly.entity_id
_entity_poly.type
_entity_poly.pdbx_seq_one_letter_code
_entity_poly.pdbx_strand_id
1 'polypeptide(L)'
;MGHHHHHHSSGRENLYFQGALTQSVGGDSSADRLFPPQWICCDIRYLDVSILGKFAVVMADPPWDIHMELPYGTLTDDEM
RRLNIPVLQDDGFLFLWVTGRAMELGRECLNLWGYERVDEIIWVKTNQLQRIIRTGRTGHWLNHGKEHCLVGVKGNPQGF
NQGLDCDVIVAEVRSTSHKPDEIYGMIERLSPGTRKIELFGRPHNVQPNWITLGNQLDGIHLLDPDVVARFKQRYPDGII
SKPKNL
;
A
2 'polypeptide(L)'
;MLKGTQSLNPHNDYCQHFVDTGHRPQNFIRDVGLADRFEEYPKLRELIRLKDELIAKSNTPPMYLQADIEAFDIRELTPK
FDVILLEPPLEEYYRETGITANEKCWTWDDIMKLEIDEIAAPRSFIFLWCGSGEGLDLGRVCLRKWGYRRCEDICWIKTN
KNNPGKTKTLDPKAVFQRTKEHCLMGIKGTVKRSTDGDFIHANVDIDLIITEEPEIGNIEKPVEIFHIIEHFCLGRRRLH
LFGRDSTIRPGWLTVGPTLTNSNYNAETYASYFSAPNSYLTGCTEEIERL
;
B
#
loop_
_chem_comp.id
_chem_comp.type
_chem_comp.name
_chem_comp.formula
ACT non-polymer 'ACETATE ION' 'C2 H3 O2 -1'
UDW non-polymer (S)-3-(((6-(3-(hydroxymethyl)piperidin-1-yl)pyrimidin-4-yl)amino)methyl)benzenesulfonamide 'C17 H23 N5 O3 S'
#
# COMPACT_ATOMS: atom_id res chain seq x y z
N LEU A 34 -25.77 -19.67 13.55
CA LEU A 34 -25.33 -20.13 14.86
C LEU A 34 -24.04 -19.45 15.33
N PHE A 35 -24.18 -18.60 16.35
CA PHE A 35 -23.14 -17.68 16.81
C PHE A 35 -21.77 -18.29 17.10
N PRO A 36 -21.63 -19.38 17.87
CA PRO A 36 -20.29 -19.72 18.41
C PRO A 36 -19.34 -20.15 17.31
N PRO A 37 -18.02 -20.21 17.58
CA PRO A 37 -17.05 -20.54 16.53
C PRO A 37 -17.34 -21.87 15.84
N GLN A 38 -17.02 -21.91 14.55
CA GLN A 38 -17.12 -23.12 13.72
C GLN A 38 -15.88 -23.18 12.81
N TRP A 39 -15.55 -24.40 12.37
CA TRP A 39 -14.35 -24.57 11.55
C TRP A 39 -14.42 -25.87 10.75
N ILE A 40 -13.63 -25.92 9.68
CA ILE A 40 -13.54 -27.10 8.82
C ILE A 40 -12.09 -27.36 8.45
N CYS A 41 -11.47 -28.35 9.05
CA CYS A 41 -10.16 -28.78 8.58
C CYS A 41 -10.34 -29.44 7.23
N CYS A 42 -9.64 -28.94 6.22
CA CYS A 42 -9.84 -29.43 4.86
C CYS A 42 -8.71 -28.89 3.99
N ASP A 43 -8.77 -29.26 2.71
CA ASP A 43 -7.99 -28.62 1.66
C ASP A 43 -8.91 -27.64 0.95
N ILE A 44 -8.62 -26.35 1.08
CA ILE A 44 -9.52 -25.35 0.52
C ILE A 44 -9.64 -25.47 -1.00
N ARG A 45 -8.63 -26.06 -1.67
CA ARG A 45 -8.73 -26.21 -3.13
C ARG A 45 -9.93 -27.04 -3.54
N TYR A 46 -10.38 -27.96 -2.68
CA TYR A 46 -11.34 -28.98 -3.08
C TYR A 46 -12.69 -28.91 -2.40
N LEU A 47 -12.79 -28.31 -1.21
CA LEU A 47 -14.05 -28.24 -0.48
C LEU A 47 -15.11 -27.51 -1.29
N ASP A 48 -16.25 -28.16 -1.50
CA ASP A 48 -17.37 -27.50 -2.16
C ASP A 48 -17.96 -26.42 -1.26
N VAL A 49 -17.48 -25.19 -1.40
CA VAL A 49 -17.90 -24.11 -0.50
C VAL A 49 -19.34 -23.66 -0.72
N SER A 50 -20.02 -24.19 -1.73
CA SER A 50 -21.41 -23.78 -1.97
C SER A 50 -22.34 -24.20 -0.85
N ILE A 51 -21.94 -25.18 -0.04
CA ILE A 51 -22.77 -25.62 1.07
C ILE A 51 -22.86 -24.56 2.16
N LEU A 52 -21.94 -23.58 2.16
CA LEU A 52 -21.78 -22.68 3.28
C LEU A 52 -22.77 -21.52 3.25
N GLY A 53 -23.40 -21.25 2.12
CA GLY A 53 -24.23 -20.07 2.04
C GLY A 53 -23.44 -18.78 1.84
N LYS A 54 -24.15 -17.66 1.96
CA LYS A 54 -23.62 -16.32 1.73
C LYS A 54 -23.15 -15.68 3.02
N PHE A 55 -22.09 -14.87 2.91
CA PHE A 55 -21.44 -14.24 4.04
C PHE A 55 -21.39 -12.73 3.83
N ALA A 56 -21.44 -11.98 4.94
CA ALA A 56 -21.32 -10.53 4.82
C ALA A 56 -19.86 -10.10 4.66
N VAL A 57 -18.93 -10.88 5.19
CA VAL A 57 -17.51 -10.58 5.15
C VAL A 57 -16.74 -11.87 4.88
N VAL A 58 -15.80 -11.81 3.94
CA VAL A 58 -14.81 -12.85 3.70
C VAL A 58 -13.45 -12.30 4.07
N MET A 59 -12.67 -13.06 4.81
CA MET A 59 -11.28 -12.69 5.04
C MET A 59 -10.39 -13.85 4.65
N ALA A 60 -9.21 -13.55 4.13
CA ALA A 60 -8.36 -14.62 3.65
C ALA A 60 -6.91 -14.21 3.78
N ASP A 61 -6.10 -15.15 4.26
CA ASP A 61 -4.65 -14.98 4.41
C ASP A 61 -3.96 -16.04 3.55
N PRO A 62 -3.93 -15.87 2.23
CA PRO A 62 -3.54 -16.98 1.37
C PRO A 62 -2.07 -17.30 1.47
N PRO A 63 -1.69 -18.54 1.25
CA PRO A 63 -0.26 -18.91 1.14
C PRO A 63 0.22 -18.68 -0.30
N TRP A 64 0.45 -17.42 -0.62
CA TRP A 64 0.79 -17.02 -1.99
C TRP A 64 2.10 -17.66 -2.42
N ASP A 65 2.23 -17.92 -3.71
CA ASP A 65 3.47 -18.55 -4.21
C ASP A 65 4.48 -17.47 -4.57
N ILE A 66 5.27 -17.05 -3.58
CA ILE A 66 6.11 -15.88 -3.74
C ILE A 66 7.56 -16.14 -3.38
N PRO A 71 6.65 -24.81 -1.84
CA PRO A 71 6.73 -24.67 -0.39
C PRO A 71 5.47 -25.04 0.39
N TYR A 72 5.63 -25.15 1.72
CA TYR A 72 4.64 -25.56 2.72
C TYR A 72 3.30 -26.01 2.18
N GLY A 73 2.25 -25.21 2.41
CA GLY A 73 0.94 -25.49 1.85
C GLY A 73 0.54 -24.46 0.81
N THR A 74 1.47 -24.12 -0.08
CA THR A 74 1.30 -23.07 -1.07
C THR A 74 0.21 -23.43 -2.10
N LEU A 75 -0.50 -22.40 -2.56
CA LEU A 75 -1.31 -22.49 -3.77
C LEU A 75 -0.56 -21.79 -4.90
N THR A 76 -0.76 -22.28 -6.11
CA THR A 76 -0.20 -21.56 -7.25
C THR A 76 -1.13 -20.43 -7.63
N ASP A 77 -0.65 -19.55 -8.49
CA ASP A 77 -1.47 -18.42 -8.90
C ASP A 77 -2.74 -18.88 -9.58
N ASP A 78 -2.68 -19.99 -10.33
CA ASP A 78 -3.90 -20.46 -10.99
C ASP A 78 -4.83 -21.17 -10.01
N GLU A 79 -4.25 -21.87 -9.03
CA GLU A 79 -5.05 -22.45 -7.96
C GLU A 79 -5.73 -21.36 -7.16
N MET A 80 -5.00 -20.28 -6.85
CA MET A 80 -5.63 -19.12 -6.22
C MET A 80 -6.74 -18.59 -7.10
N ARG A 81 -6.43 -18.30 -8.36
CA ARG A 81 -7.39 -17.74 -9.31
C ARG A 81 -8.66 -18.57 -9.36
N ARG A 82 -8.54 -19.89 -9.21
CA ARG A 82 -9.68 -20.76 -9.41
C ARG A 82 -10.54 -20.91 -8.16
N LEU A 83 -10.04 -20.50 -6.98
CA LEU A 83 -10.84 -20.54 -5.76
C LEU A 83 -12.24 -20.05 -6.04
N ASN A 84 -13.23 -20.75 -5.51
CA ASN A 84 -14.61 -20.36 -5.79
C ASN A 84 -15.12 -19.30 -4.81
N ILE A 85 -14.30 -18.27 -4.60
CA ILE A 85 -14.72 -17.09 -3.84
C ILE A 85 -16.05 -16.52 -4.34
N PRO A 86 -16.30 -16.42 -5.65
CA PRO A 86 -17.52 -15.71 -6.07
C PRO A 86 -18.82 -16.27 -5.50
N VAL A 87 -18.85 -17.49 -4.98
CA VAL A 87 -20.09 -18.04 -4.47
C VAL A 87 -20.32 -17.70 -3.01
N LEU A 88 -19.32 -17.17 -2.31
CA LEU A 88 -19.42 -16.97 -0.88
C LEU A 88 -20.16 -15.70 -0.49
N GLN A 89 -20.35 -14.76 -1.42
CA GLN A 89 -20.98 -13.48 -1.10
C GLN A 89 -21.84 -13.01 -2.26
N ASP A 90 -22.93 -12.32 -1.93
CA ASP A 90 -23.72 -11.53 -2.86
C ASP A 90 -23.44 -10.04 -2.73
N ASP A 91 -23.55 -9.51 -1.51
CA ASP A 91 -23.15 -8.16 -1.18
C ASP A 91 -22.35 -8.23 0.10
N GLY A 92 -21.20 -7.56 0.12
CA GLY A 92 -20.36 -7.55 1.30
C GLY A 92 -18.93 -7.18 0.96
N PHE A 93 -18.02 -7.50 1.86
CA PHE A 93 -16.65 -7.05 1.76
C PHE A 93 -15.72 -8.24 1.86
N LEU A 94 -14.59 -8.12 1.16
CA LEU A 94 -13.54 -9.12 1.19
C LEU A 94 -12.29 -8.49 1.76
N PHE A 95 -11.64 -9.17 2.70
CA PHE A 95 -10.41 -8.71 3.32
C PHE A 95 -9.32 -9.69 2.91
N LEU A 96 -8.33 -9.21 2.13
CA LEU A 96 -7.36 -10.09 1.48
C LEU A 96 -5.94 -9.65 1.80
N TRP A 97 -5.25 -10.42 2.64
CA TRP A 97 -3.88 -10.10 3.00
C TRP A 97 -2.92 -10.39 1.86
N VAL A 98 -1.97 -9.47 1.63
CA VAL A 98 -1.03 -9.56 0.51
C VAL A 98 0.37 -9.14 0.97
N THR A 99 1.37 -9.66 0.27
CA THR A 99 2.75 -9.25 0.47
C THR A 99 3.50 -9.42 -0.83
N GLY A 100 4.64 -8.75 -0.93
CA GLY A 100 5.51 -8.96 -2.09
C GLY A 100 4.75 -8.81 -3.38
N ARG A 101 4.98 -9.75 -4.31
CA ARG A 101 4.31 -9.64 -5.59
C ARG A 101 2.83 -10.01 -5.51
N ALA A 102 2.37 -10.57 -4.39
CA ALA A 102 0.93 -10.78 -4.27
C ALA A 102 0.17 -9.47 -4.07
N MET A 103 0.87 -8.35 -3.89
CA MET A 103 0.15 -7.07 -3.90
C MET A 103 -0.50 -6.87 -5.26
N GLU A 104 0.15 -7.35 -6.32
CA GLU A 104 -0.37 -7.28 -7.67
C GLU A 104 -1.30 -8.46 -7.96
N LEU A 105 -0.85 -9.69 -7.65
CA LEU A 105 -1.68 -10.87 -7.88
C LEU A 105 -2.95 -10.85 -7.04
N GLY A 106 -2.85 -10.40 -5.78
CA GLY A 106 -4.06 -10.24 -4.97
C GLY A 106 -5.08 -9.32 -5.64
N ARG A 107 -4.62 -8.21 -6.20
CA ARG A 107 -5.52 -7.32 -6.93
C ARG A 107 -6.15 -8.04 -8.11
N GLU A 108 -5.38 -8.88 -8.81
CA GLU A 108 -5.92 -9.64 -9.94
C GLU A 108 -7.02 -10.58 -9.45
N CYS A 109 -6.73 -11.39 -8.42
CA CYS A 109 -7.75 -12.30 -7.90
C CYS A 109 -8.99 -11.53 -7.45
N LEU A 110 -8.80 -10.45 -6.69
CA LEU A 110 -9.89 -9.58 -6.29
C LEU A 110 -10.82 -9.30 -7.44
N ASN A 111 -10.27 -8.72 -8.53
CA ASN A 111 -11.12 -8.30 -9.64
C ASN A 111 -11.68 -9.51 -10.36
N LEU A 112 -10.89 -10.57 -10.50
CA LEU A 112 -11.40 -11.79 -11.11
C LEU A 112 -12.61 -12.31 -10.33
N TRP A 113 -12.54 -12.31 -9.00
CA TRP A 113 -13.61 -12.79 -8.15
C TRP A 113 -14.84 -11.88 -8.12
N GLY A 114 -14.83 -10.75 -8.83
CA GLY A 114 -15.97 -9.85 -8.83
C GLY A 114 -15.93 -8.69 -7.85
N TYR A 115 -14.77 -8.34 -7.30
CA TYR A 115 -14.69 -7.29 -6.29
C TYR A 115 -14.02 -6.03 -6.84
N GLU A 116 -14.36 -4.90 -6.24
CA GLU A 116 -13.59 -3.68 -6.44
C GLU A 116 -12.82 -3.35 -5.17
N ARG A 117 -11.52 -3.09 -5.29
CA ARG A 117 -10.76 -2.68 -4.10
C ARG A 117 -11.13 -1.25 -3.74
N VAL A 118 -11.63 -1.05 -2.53
CA VAL A 118 -12.05 0.27 -2.07
C VAL A 118 -11.26 0.76 -0.85
N ASP A 119 -10.42 -0.07 -0.25
CA ASP A 119 -9.59 0.35 0.86
C ASP A 119 -8.43 -0.62 0.94
N GLU A 120 -7.45 -0.28 1.76
CA GLU A 120 -6.27 -1.11 1.91
C GLU A 120 -5.80 -0.86 3.32
N ILE A 121 -5.89 -1.85 4.16
CA ILE A 121 -5.54 -1.67 5.55
C ILE A 121 -4.06 -1.96 5.69
N ILE A 122 -3.39 -1.19 6.53
CA ILE A 122 -1.96 -1.32 6.77
C ILE A 122 -1.77 -1.72 8.23
N TRP A 123 -1.14 -2.86 8.44
CA TRP A 123 -0.79 -3.29 9.79
C TRP A 123 0.65 -2.88 10.03
N VAL A 124 0.85 -1.84 10.83
CA VAL A 124 2.19 -1.47 11.28
C VAL A 124 2.62 -2.41 12.40
N LYS A 125 3.81 -3.00 12.26
CA LYS A 125 4.28 -4.02 13.19
C LYS A 125 5.19 -3.39 14.23
N THR A 126 4.87 -3.58 15.51
CA THR A 126 5.69 -3.14 16.62
C THR A 126 6.10 -4.32 17.49
N ASN A 127 6.96 -4.07 18.46
CA ASN A 127 7.38 -5.07 19.43
C ASN A 127 7.28 -4.48 20.83
N GLN A 128 6.28 -4.93 21.60
CA GLN A 128 6.18 -4.66 23.03
C GLN A 128 6.28 -3.18 23.38
N LEU A 129 7.47 -2.58 23.18
CA LEU A 129 7.73 -1.17 23.47
C LEU A 129 7.10 -0.21 22.45
N GLN A 130 6.07 -0.63 21.72
CA GLN A 130 5.44 0.21 20.69
C GLN A 130 6.49 0.78 19.74
N ARG A 131 7.49 -0.03 19.44
CA ARG A 131 8.57 0.36 18.54
C ARG A 131 8.48 -0.48 17.28
N ILE A 132 8.75 0.15 16.14
CA ILE A 132 8.49 -0.46 14.84
C ILE A 132 9.54 -1.55 14.60
N ILE A 133 9.08 -2.80 14.56
CA ILE A 133 9.94 -3.97 14.44
C ILE A 133 10.31 -4.22 12.98
N HIS A 140 15.66 -6.77 0.01
CA HIS A 140 14.99 -5.91 -0.96
C HIS A 140 15.69 -4.56 -1.06
N TRP A 141 14.92 -3.48 -1.12
CA TRP A 141 15.47 -2.13 -1.06
C TRP A 141 15.23 -1.45 0.28
N LEU A 142 14.18 -1.84 0.99
CA LEU A 142 13.79 -1.21 2.24
C LEU A 142 13.39 -2.31 3.19
N ASN A 143 13.73 -2.14 4.46
CA ASN A 143 13.20 -3.01 5.48
C ASN A 143 11.68 -2.81 5.57
N HIS A 144 10.96 -3.87 5.89
CA HIS A 144 9.50 -3.85 5.86
C HIS A 144 8.95 -3.69 7.27
N GLY A 145 8.16 -2.63 7.48
CA GLY A 145 7.54 -2.42 8.77
C GLY A 145 6.06 -2.75 8.83
N LYS A 146 5.50 -3.40 7.82
CA LYS A 146 4.06 -3.42 7.68
C LYS A 146 3.64 -4.58 6.79
N GLU A 147 2.39 -5.01 6.98
CA GLU A 147 1.71 -5.88 6.04
C GLU A 147 0.41 -5.24 5.62
N HIS A 148 -0.02 -5.59 4.41
CA HIS A 148 -1.17 -4.97 3.75
C HIS A 148 -2.33 -5.95 3.66
N CYS A 149 -3.53 -5.41 3.73
CA CYS A 149 -4.75 -6.21 3.62
C CYS A 149 -5.71 -5.46 2.70
N LEU A 150 -5.81 -5.91 1.44
CA LEU A 150 -6.71 -5.26 0.51
C LEU A 150 -8.16 -5.44 0.95
N VAL A 151 -8.97 -4.42 0.77
CA VAL A 151 -10.37 -4.46 1.13
C VAL A 151 -11.16 -4.29 -0.15
N GLY A 152 -11.92 -5.32 -0.53
CA GLY A 152 -12.76 -5.22 -1.70
C GLY A 152 -14.24 -5.29 -1.40
N VAL A 153 -15.06 -4.77 -2.30
CA VAL A 153 -16.50 -4.70 -2.10
C VAL A 153 -17.18 -5.36 -3.29
N LYS A 154 -18.22 -6.12 -3.02
CA LYS A 154 -19.00 -6.79 -4.05
C LYS A 154 -20.46 -6.43 -3.83
N GLY A 155 -21.18 -6.16 -4.91
CA GLY A 155 -22.60 -5.86 -4.79
C GLY A 155 -22.84 -4.46 -4.24
N ASN A 156 -23.85 -4.33 -3.41
CA ASN A 156 -24.20 -3.04 -2.81
C ASN A 156 -24.56 -3.27 -1.36
N PRO A 157 -23.58 -3.43 -0.49
CA PRO A 157 -23.88 -3.77 0.90
C PRO A 157 -24.71 -2.69 1.58
N GLN A 158 -25.56 -3.13 2.51
CA GLN A 158 -26.46 -2.22 3.21
C GLN A 158 -26.38 -2.50 4.70
N GLY A 159 -26.49 -1.44 5.50
CA GLY A 159 -26.42 -1.60 6.93
C GLY A 159 -25.05 -1.94 7.46
N PHE A 160 -24.01 -1.53 6.77
CA PHE A 160 -22.66 -1.58 7.30
C PHE A 160 -22.31 -0.23 7.90
N ASN A 161 -21.45 -0.24 8.92
CA ASN A 161 -21.03 0.99 9.61
C ASN A 161 -19.67 1.42 9.08
N GLN A 162 -19.69 2.07 7.93
CA GLN A 162 -18.46 2.46 7.27
C GLN A 162 -17.90 3.71 7.92
N GLY A 163 -16.57 3.76 8.03
CA GLY A 163 -15.88 4.90 8.60
C GLY A 163 -15.77 4.92 10.11
N LEU A 164 -16.01 3.81 10.79
CA LEU A 164 -15.83 3.82 12.24
C LEU A 164 -14.38 3.61 12.62
N ASP A 165 -13.70 2.67 11.98
CA ASP A 165 -12.29 2.48 12.20
C ASP A 165 -11.49 3.17 11.10
N CYS A 166 -10.20 3.34 11.34
CA CYS A 166 -9.32 3.85 10.31
C CYS A 166 -8.45 2.72 9.74
N ASP A 167 -7.62 3.06 8.76
CA ASP A 167 -7.01 2.00 7.94
C ASP A 167 -5.62 1.65 8.40
N VAL A 168 -5.28 1.93 9.64
CA VAL A 168 -3.97 1.59 10.17
C VAL A 168 -4.17 0.79 11.43
N ILE A 169 -3.60 -0.40 11.48
CA ILE A 169 -3.56 -1.18 12.69
C ILE A 169 -2.15 -1.10 13.24
N VAL A 170 -2.03 -0.84 14.54
CA VAL A 170 -0.74 -0.90 15.23
C VAL A 170 -0.86 -2.02 16.24
N ALA A 171 -0.05 -3.08 16.07
CA ALA A 171 -0.04 -4.20 16.99
C ALA A 171 1.32 -4.87 16.91
N GLU A 172 1.58 -5.75 17.87
CA GLU A 172 2.85 -6.46 17.93
C GLU A 172 2.76 -7.75 17.12
N VAL A 173 3.89 -8.11 16.50
CA VAL A 173 3.94 -9.36 15.75
C VAL A 173 3.83 -10.53 16.73
N ARG A 174 3.15 -11.59 16.31
CA ARG A 174 2.99 -12.78 17.13
C ARG A 174 3.54 -14.01 16.40
N SER A 175 2.80 -15.12 16.39
CA SER A 175 3.31 -16.32 15.71
C SER A 175 3.33 -16.13 14.20
N THR A 176 3.72 -17.19 13.48
CA THR A 176 3.87 -17.12 12.03
C THR A 176 2.51 -16.90 11.36
N SER A 177 2.45 -15.87 10.51
CA SER A 177 1.26 -15.51 9.74
C SER A 177 0.05 -15.29 10.62
N HIS A 178 0.27 -15.00 11.89
CA HIS A 178 -0.82 -14.68 12.80
C HIS A 178 -1.11 -13.19 12.66
N LYS A 179 -2.21 -12.88 12.02
CA LYS A 179 -2.62 -11.50 11.83
C LYS A 179 -3.16 -10.94 13.14
N PRO A 180 -3.13 -9.63 13.30
CA PRO A 180 -3.55 -9.04 14.58
C PRO A 180 -5.03 -9.24 14.82
N ASP A 181 -5.36 -9.59 16.07
CA ASP A 181 -6.75 -9.84 16.45
C ASP A 181 -7.61 -8.60 16.31
N GLU A 182 -7.01 -7.42 16.35
CA GLU A 182 -7.78 -6.20 16.15
C GLU A 182 -8.70 -6.30 14.94
N ILE A 183 -8.29 -7.05 13.90
CA ILE A 183 -9.06 -7.09 12.66
C ILE A 183 -10.48 -7.61 12.91
N TYR A 184 -10.62 -8.65 13.75
CA TYR A 184 -11.96 -9.15 14.05
C TYR A 184 -12.81 -8.06 14.69
N GLY A 185 -12.22 -7.25 15.56
CA GLY A 185 -12.96 -6.16 16.18
C GLY A 185 -13.34 -5.10 15.17
N MET A 186 -12.43 -4.79 14.24
CA MET A 186 -12.76 -3.86 13.18
C MET A 186 -13.92 -4.37 12.34
N ILE A 187 -13.90 -5.65 11.99
CA ILE A 187 -14.93 -6.17 11.10
C ILE A 187 -16.26 -6.33 11.85
N GLU A 188 -16.20 -6.71 13.12
CA GLU A 188 -17.43 -6.77 13.92
C GLU A 188 -18.11 -5.41 14.00
N ARG A 189 -17.36 -4.35 14.32
CA ARG A 189 -17.99 -3.04 14.35
C ARG A 189 -18.53 -2.65 12.99
N LEU A 190 -17.86 -3.07 11.91
CA LEU A 190 -18.31 -2.71 10.57
C LEU A 190 -19.57 -3.47 10.18
N SER A 191 -19.70 -4.73 10.61
CA SER A 191 -20.84 -5.57 10.26
C SER A 191 -21.28 -6.37 11.48
N PRO A 192 -21.94 -5.73 12.44
CA PRO A 192 -22.27 -6.42 13.70
C PRO A 192 -23.24 -7.57 13.49
N GLY A 193 -22.93 -8.71 14.10
CA GLY A 193 -23.83 -9.85 14.16
C GLY A 193 -23.76 -10.81 12.99
N THR A 194 -23.46 -10.30 11.79
CA THR A 194 -23.57 -11.05 10.54
C THR A 194 -22.62 -12.24 10.48
N ARG A 195 -22.90 -13.16 9.56
CA ARG A 195 -22.04 -14.33 9.35
C ARG A 195 -20.89 -14.00 8.39
N LYS A 196 -19.71 -14.52 8.72
CA LYS A 196 -18.46 -14.19 8.07
C LYS A 196 -17.64 -15.46 7.96
N ILE A 197 -16.66 -15.47 7.05
CA ILE A 197 -15.85 -16.67 6.82
C ILE A 197 -14.39 -16.27 6.63
N GLU A 198 -13.49 -17.05 7.23
CA GLU A 198 -12.06 -16.81 7.13
C GLU A 198 -11.40 -18.00 6.44
N LEU A 199 -10.60 -17.73 5.41
CA LEU A 199 -9.88 -18.76 4.67
C LEU A 199 -8.43 -18.84 5.13
N PHE A 200 -7.92 -20.06 5.25
CA PHE A 200 -6.54 -20.35 5.62
C PHE A 200 -6.26 -19.96 7.07
N GLY A 201 -7.25 -20.13 7.93
CA GLY A 201 -7.08 -19.85 9.34
C GLY A 201 -6.53 -21.04 10.12
N ARG A 202 -6.01 -20.71 11.29
CA ARG A 202 -5.49 -21.64 12.27
C ARG A 202 -6.40 -21.69 13.50
N PRO A 203 -6.21 -22.68 14.39
CA PRO A 203 -7.07 -22.75 15.58
C PRO A 203 -7.17 -21.44 16.35
N HIS A 204 -6.07 -20.70 16.51
CA HIS A 204 -6.23 -19.47 17.27
C HIS A 204 -7.02 -18.39 16.51
N ASN A 205 -7.59 -18.68 15.34
CA ASN A 205 -8.39 -17.71 14.59
C ASN A 205 -9.88 -17.91 14.77
N VAL A 206 -10.34 -19.03 15.33
CA VAL A 206 -11.78 -19.26 15.39
C VAL A 206 -12.38 -18.18 16.27
N GLN A 207 -13.55 -17.69 15.88
CA GLN A 207 -14.19 -16.52 16.48
C GLN A 207 -15.68 -16.73 16.39
N PRO A 208 -16.46 -16.14 17.31
CA PRO A 208 -17.91 -16.17 17.14
C PRO A 208 -18.31 -15.46 15.86
N ASN A 209 -19.38 -15.97 15.24
CA ASN A 209 -19.92 -15.51 13.96
C ASN A 209 -19.04 -15.88 12.78
N TRP A 210 -17.92 -16.57 13.00
CA TRP A 210 -17.01 -16.95 11.93
C TRP A 210 -17.00 -18.46 11.72
N ILE A 211 -17.00 -18.86 10.44
CA ILE A 211 -16.59 -20.19 10.01
C ILE A 211 -15.16 -20.08 9.50
N THR A 212 -14.26 -20.83 10.11
CA THR A 212 -12.85 -20.84 9.73
C THR A 212 -12.53 -22.08 8.88
N LEU A 213 -11.81 -21.89 7.78
CA LEU A 213 -11.37 -22.98 6.91
C LEU A 213 -9.85 -22.99 6.85
N GLY A 214 -9.28 -24.19 6.81
CA GLY A 214 -7.85 -24.37 6.89
C GLY A 214 -7.50 -25.81 7.20
N ASN A 215 -6.26 -26.19 6.91
CA ASN A 215 -5.85 -27.58 7.05
C ASN A 215 -5.05 -27.84 8.31
N GLN A 216 -4.77 -26.81 9.11
CA GLN A 216 -4.18 -27.01 10.43
C GLN A 216 -5.22 -26.92 11.54
N LEU A 217 -6.49 -26.86 11.19
CA LEU A 217 -7.56 -26.96 12.16
C LEU A 217 -7.71 -28.41 12.61
N ASP A 218 -8.50 -28.62 13.66
CA ASP A 218 -8.68 -29.95 14.23
C ASP A 218 -10.07 -30.45 13.84
N GLY A 219 -10.11 -31.27 12.80
CA GLY A 219 -11.36 -31.89 12.41
C GLY A 219 -12.38 -30.88 11.92
N ILE A 220 -13.64 -31.21 12.15
CA ILE A 220 -14.77 -30.48 11.64
C ILE A 220 -15.69 -30.16 12.80
N HIS A 221 -16.32 -28.99 12.77
CA HIS A 221 -17.18 -28.58 13.89
C HIS A 221 -18.15 -27.52 13.38
N LEU A 222 -19.35 -27.94 13.01
CA LEU A 222 -20.37 -27.07 12.43
C LEU A 222 -21.60 -27.06 13.32
N LEU A 223 -22.14 -25.87 13.58
CA LEU A 223 -23.29 -25.69 14.45
C LEU A 223 -24.52 -25.16 13.74
N ASP A 224 -24.34 -24.35 12.70
CA ASP A 224 -25.47 -23.78 11.98
C ASP A 224 -26.34 -24.89 11.41
N PRO A 225 -27.64 -24.92 11.73
CA PRO A 225 -28.52 -25.95 11.15
C PRO A 225 -28.45 -26.03 9.64
N ASP A 226 -28.62 -24.90 8.94
CA ASP A 226 -28.63 -24.91 7.48
C ASP A 226 -27.35 -25.52 6.93
N VAL A 227 -26.20 -25.14 7.49
CA VAL A 227 -24.93 -25.58 6.94
C VAL A 227 -24.63 -27.01 7.36
N VAL A 228 -25.17 -27.45 8.49
CA VAL A 228 -25.03 -28.86 8.87
C VAL A 228 -25.82 -29.75 7.92
N ALA A 229 -27.03 -29.34 7.58
CA ALA A 229 -27.84 -30.04 6.58
C ALA A 229 -27.05 -30.22 5.29
N ARG A 230 -26.73 -29.10 4.63
CA ARG A 230 -26.04 -29.14 3.34
C ARG A 230 -24.76 -29.98 3.41
N PHE A 231 -23.98 -29.83 4.48
CA PHE A 231 -22.77 -30.62 4.59
C PHE A 231 -23.05 -32.11 4.61
N LYS A 232 -24.22 -32.51 5.12
CA LYS A 232 -24.56 -33.93 5.12
C LYS A 232 -24.93 -34.40 3.72
N GLN A 233 -25.76 -33.64 3.02
CA GLN A 233 -26.19 -34.05 1.67
C GLN A 233 -25.02 -34.07 0.70
N ARG A 234 -24.02 -33.22 0.92
CA ARG A 234 -22.89 -33.11 0.01
C ARG A 234 -21.76 -34.06 0.37
N TYR A 235 -21.64 -34.44 1.63
CA TYR A 235 -20.59 -35.34 2.10
C TYR A 235 -21.18 -36.34 3.09
N PRO A 236 -21.94 -37.32 2.59
CA PRO A 236 -22.60 -38.28 3.50
C PRO A 236 -21.64 -39.12 4.33
N ASP A 237 -20.32 -38.99 4.13
CA ASP A 237 -19.38 -39.84 4.85
C ASP A 237 -18.11 -39.09 5.26
N GLY A 238 -18.14 -37.76 5.26
CA GLY A 238 -16.99 -36.98 5.68
C GLY A 238 -15.88 -36.88 4.66
N ASN B 12 -3.74 -3.87 24.78
CA ASN B 12 -4.68 -2.80 24.51
C ASN B 12 -5.01 -2.75 22.99
N ASP B 13 -6.29 -2.63 22.67
CA ASP B 13 -6.77 -2.50 21.30
C ASP B 13 -6.71 -1.03 20.88
N TYR B 14 -5.79 -0.70 19.98
CA TYR B 14 -5.70 0.69 19.54
C TYR B 14 -6.76 1.05 18.53
N CYS B 15 -7.33 0.08 17.82
CA CYS B 15 -8.46 0.38 16.96
C CYS B 15 -9.69 0.72 17.78
N GLN B 16 -9.92 0.00 18.87
CA GLN B 16 -11.03 0.36 19.75
C GLN B 16 -10.83 1.76 20.33
N HIS B 17 -9.61 2.05 20.77
CA HIS B 17 -9.29 3.37 21.29
C HIS B 17 -9.66 4.46 20.28
N PHE B 18 -9.31 4.25 19.01
CA PHE B 18 -9.67 5.25 18.01
C PHE B 18 -11.16 5.41 17.92
N VAL B 19 -11.90 4.31 18.08
CA VAL B 19 -13.35 4.44 18.03
C VAL B 19 -13.86 5.18 19.26
N ASP B 20 -13.18 5.02 20.40
CA ASP B 20 -13.58 5.64 21.67
C ASP B 20 -13.21 7.11 21.75
N THR B 21 -12.04 7.49 21.22
CA THR B 21 -11.42 8.78 21.52
C THR B 21 -11.08 9.62 20.30
N GLY B 22 -10.92 9.02 19.11
CA GLY B 22 -10.52 9.74 17.93
C GLY B 22 -9.02 9.82 17.71
N HIS B 23 -8.24 9.30 18.64
CA HIS B 23 -6.79 9.20 18.50
C HIS B 23 -6.43 8.03 17.59
N ARG B 24 -5.81 8.33 16.44
CA ARG B 24 -5.46 7.29 15.50
C ARG B 24 -4.42 6.37 16.13
N PRO B 25 -4.48 5.07 15.80
CA PRO B 25 -3.55 4.12 16.43
C PRO B 25 -2.10 4.48 16.23
N GLN B 26 -1.75 5.16 15.13
CA GLN B 26 -0.36 5.51 14.88
C GLN B 26 0.11 6.66 15.77
N ASN B 27 -0.79 7.33 16.47
CA ASN B 27 -0.38 8.34 17.43
C ASN B 27 0.52 7.75 18.50
N PHE B 28 0.38 6.45 18.78
CA PHE B 28 1.07 5.80 19.89
C PHE B 28 2.30 5.01 19.46
N ILE B 29 2.84 5.26 18.28
CA ILE B 29 4.13 4.68 17.91
C ILE B 29 5.22 5.61 18.43
N ARG B 30 6.19 5.03 19.13
CA ARG B 30 7.30 5.80 19.67
C ARG B 30 8.53 5.57 18.80
N ASP B 31 9.56 6.38 19.05
CA ASP B 31 10.78 6.37 18.24
C ASP B 31 10.45 6.69 16.79
N VAL B 32 9.73 7.80 16.58
CA VAL B 32 9.50 8.35 15.26
C VAL B 32 9.93 9.82 15.24
N GLU B 46 21.29 3.80 18.63
CA GLU B 46 22.67 3.33 18.61
C GLU B 46 23.20 3.22 17.18
N LEU B 47 24.51 3.51 17.02
CA LEU B 47 25.27 3.41 15.77
C LEU B 47 25.00 4.56 14.80
N ILE B 48 26.04 5.01 14.11
CA ILE B 48 25.99 6.22 13.27
C ILE B 48 26.72 5.94 11.97
N ARG B 49 26.11 6.37 10.86
CA ARG B 49 26.77 6.36 9.57
C ARG B 49 26.90 7.75 8.98
N LEU B 50 25.80 8.50 8.91
CA LEU B 50 25.80 9.90 8.44
C LEU B 50 26.49 10.05 7.09
N LYS B 51 26.44 9.00 6.25
CA LYS B 51 27.06 9.05 4.94
C LYS B 51 26.52 10.20 4.11
N ASP B 52 25.31 10.68 4.42
CA ASP B 52 24.63 11.79 3.77
C ASP B 52 25.60 12.88 3.35
N GLU B 53 26.74 12.95 4.02
CA GLU B 53 27.77 13.87 3.56
C GLU B 53 28.33 13.45 2.21
N LEU B 54 28.46 12.15 1.95
CA LEU B 54 28.85 11.70 0.61
C LEU B 54 27.84 12.19 -0.42
N ILE B 55 26.56 11.91 -0.18
CA ILE B 55 25.50 12.40 -1.06
C ILE B 55 25.64 13.90 -1.29
N ALA B 56 25.73 14.66 -0.18
CA ALA B 56 25.67 16.12 -0.30
C ALA B 56 26.86 16.67 -1.06
N LYS B 57 28.03 16.05 -0.91
CA LYS B 57 29.22 16.42 -1.68
C LYS B 57 28.99 16.25 -3.16
N SER B 58 28.59 15.06 -3.59
CA SER B 58 28.42 14.84 -5.02
C SER B 58 27.19 15.51 -5.59
N ASN B 59 26.33 16.11 -4.76
CA ASN B 59 25.08 16.70 -5.26
C ASN B 59 25.35 17.74 -6.33
N THR B 60 24.63 17.62 -7.44
CA THR B 60 24.55 18.71 -8.40
C THR B 60 23.87 19.91 -7.76
N PRO B 61 24.12 21.11 -8.27
CA PRO B 61 23.34 22.25 -7.82
C PRO B 61 21.88 22.07 -8.18
N PRO B 62 20.97 22.68 -7.43
CA PRO B 62 19.55 22.58 -7.77
C PRO B 62 19.26 23.26 -9.10
N MET B 63 18.54 22.57 -9.97
CA MET B 63 18.03 23.15 -11.20
C MET B 63 16.52 22.97 -11.21
N TYR B 64 15.84 23.91 -11.85
CA TYR B 64 14.41 23.95 -11.70
C TYR B 64 13.87 24.66 -12.93
N LEU B 65 12.66 24.27 -13.32
CA LEU B 65 12.08 24.77 -14.55
C LEU B 65 10.57 24.86 -14.38
N GLN B 66 10.03 26.06 -14.52
CA GLN B 66 8.60 26.24 -14.61
C GLN B 66 8.08 25.70 -15.94
N ALA B 67 7.11 24.79 -15.87
CA ALA B 67 6.53 24.25 -17.09
C ALA B 67 5.15 23.69 -16.79
N ASP B 68 4.19 23.96 -17.66
CA ASP B 68 2.90 23.28 -17.62
C ASP B 68 3.11 21.92 -18.24
N ILE B 69 3.16 20.89 -17.39
CA ILE B 69 3.49 19.53 -17.84
C ILE B 69 2.40 18.96 -18.75
N GLU B 70 1.14 19.40 -18.59
CA GLU B 70 0.09 18.96 -19.50
C GLU B 70 0.37 19.38 -20.93
N ALA B 71 0.96 20.56 -21.10
CA ALA B 71 1.27 21.12 -22.40
C ALA B 71 2.74 21.03 -22.75
N PHE B 72 3.55 20.46 -21.86
CA PHE B 72 5.00 20.44 -22.01
C PHE B 72 5.43 19.13 -22.65
N ASP B 73 6.24 19.22 -23.69
CA ASP B 73 6.85 18.01 -24.25
C ASP B 73 7.96 17.57 -23.31
N ILE B 74 7.70 16.52 -22.51
CA ILE B 74 8.68 16.08 -21.54
C ILE B 74 9.98 15.63 -22.19
N ARG B 75 9.96 15.34 -23.50
CA ARG B 75 11.19 14.91 -24.15
C ARG B 75 12.25 16.01 -24.16
N GLU B 76 11.87 17.28 -23.99
CA GLU B 76 12.86 18.35 -23.91
C GLU B 76 13.64 18.34 -22.61
N LEU B 77 13.37 17.38 -21.72
CA LEU B 77 14.09 17.18 -20.46
C LEU B 77 15.11 16.08 -20.69
N THR B 78 16.36 16.46 -20.88
CA THR B 78 17.42 15.50 -21.13
C THR B 78 18.54 15.75 -20.14
N PRO B 79 19.41 14.75 -19.90
CA PRO B 79 19.40 13.40 -20.46
C PRO B 79 18.32 12.51 -19.84
N LYS B 80 18.48 11.20 -19.94
CA LYS B 80 17.54 10.28 -19.33
C LYS B 80 17.84 10.14 -17.85
N PHE B 81 16.80 9.95 -17.04
CA PHE B 81 16.92 10.10 -15.60
C PHE B 81 17.10 8.76 -14.91
N ASP B 82 17.93 8.77 -13.87
CA ASP B 82 18.10 7.60 -13.04
C ASP B 82 16.98 7.47 -12.03
N VAL B 83 16.36 8.56 -11.64
CA VAL B 83 15.34 8.57 -10.59
C VAL B 83 14.31 9.60 -10.99
N ILE B 84 13.04 9.21 -10.96
CA ILE B 84 11.97 10.15 -11.21
C ILE B 84 11.03 10.10 -10.02
N LEU B 85 10.71 11.27 -9.49
CA LEU B 85 9.77 11.39 -8.38
C LEU B 85 8.58 12.13 -8.94
N LEU B 86 7.42 11.50 -8.89
CA LEU B 86 6.28 12.02 -9.61
C LEU B 86 5.17 12.28 -8.59
N GLU B 87 4.76 13.52 -8.49
CA GLU B 87 3.84 13.98 -7.44
C GLU B 87 2.66 14.71 -8.06
N PRO B 88 1.90 14.08 -8.93
CA PRO B 88 0.81 14.78 -9.60
C PRO B 88 -0.21 15.23 -8.58
N PRO B 89 -0.72 16.45 -8.70
CA PRO B 89 -1.67 16.95 -7.71
C PRO B 89 -3.04 16.33 -7.84
N LEU B 90 -3.36 15.38 -6.98
CA LEU B 90 -4.60 14.61 -7.11
C LEU B 90 -5.77 15.35 -6.48
N GLU B 91 -6.94 15.20 -7.11
CA GLU B 91 -8.17 15.83 -6.61
C GLU B 91 -8.43 15.51 -5.15
N GLU B 92 -8.21 14.25 -4.75
CA GLU B 92 -8.44 13.87 -3.38
C GLU B 92 -7.59 14.67 -2.40
N TYR B 93 -6.54 15.35 -2.87
CA TYR B 93 -5.72 16.16 -1.98
C TYR B 93 -6.43 17.42 -1.50
N TYR B 94 -7.43 17.91 -2.25
CA TYR B 94 -8.10 19.18 -1.96
C TYR B 94 -9.52 18.89 -1.50
N ARG B 95 -9.78 19.13 -0.21
CA ARG B 95 -11.09 18.82 0.36
C ARG B 95 -11.48 19.89 1.39
N GLU B 103 -3.60 24.89 -8.87
CA GLU B 103 -4.67 25.49 -9.66
C GLU B 103 -5.10 24.58 -10.82
N LYS B 104 -4.86 23.29 -10.68
CA LYS B 104 -5.30 22.29 -11.66
C LYS B 104 -5.09 20.88 -11.11
N CYS B 105 -6.18 20.16 -10.83
CA CYS B 105 -6.04 18.80 -10.37
C CYS B 105 -5.88 17.85 -11.56
N TRP B 106 -5.06 16.82 -11.37
CA TRP B 106 -4.72 15.86 -12.41
C TRP B 106 -5.42 14.54 -12.12
N THR B 107 -6.12 14.01 -13.11
CA THR B 107 -6.77 12.72 -12.97
C THR B 107 -5.79 11.61 -13.35
N TRP B 108 -6.14 10.38 -12.98
CA TRP B 108 -5.29 9.26 -13.36
C TRP B 108 -5.26 9.10 -14.88
N ASP B 109 -6.32 9.57 -15.56
CA ASP B 109 -6.34 9.66 -17.02
C ASP B 109 -5.20 10.55 -17.52
N ASP B 110 -5.10 11.78 -16.98
CA ASP B 110 -3.97 12.64 -17.34
C ASP B 110 -2.63 11.99 -17.00
N ILE B 111 -2.52 11.41 -15.81
CA ILE B 111 -1.21 10.92 -15.38
C ILE B 111 -0.75 9.77 -16.25
N MET B 112 -1.64 8.79 -16.45
CA MET B 112 -1.28 7.57 -17.15
C MET B 112 -0.84 7.84 -18.60
N LYS B 113 -1.13 9.03 -19.13
CA LYS B 113 -0.78 9.43 -20.48
C LYS B 113 0.51 10.23 -20.56
N LEU B 114 1.11 10.57 -19.42
CA LEU B 114 2.46 11.14 -19.42
C LEU B 114 3.43 10.15 -20.07
N GLU B 115 4.32 10.66 -20.92
CA GLU B 115 5.24 9.77 -21.63
C GLU B 115 6.51 9.55 -20.81
N ILE B 116 6.30 9.01 -19.60
CA ILE B 116 7.40 8.89 -18.65
C ILE B 116 8.50 8.01 -19.23
N ASP B 117 8.11 6.95 -19.94
CA ASP B 117 9.12 6.01 -20.42
C ASP B 117 10.10 6.65 -21.38
N GLU B 118 9.73 7.76 -22.01
CA GLU B 118 10.60 8.49 -22.94
C GLU B 118 11.73 9.26 -22.26
N ILE B 119 11.67 9.46 -20.94
CA ILE B 119 12.74 10.16 -20.24
C ILE B 119 13.44 9.32 -19.20
N ALA B 120 12.97 8.10 -18.94
CA ALA B 120 13.61 7.25 -17.97
C ALA B 120 14.80 6.55 -18.59
N ALA B 121 15.88 6.43 -17.82
CA ALA B 121 17.04 5.71 -18.30
C ALA B 121 16.73 4.22 -18.37
N PRO B 122 17.39 3.48 -19.27
CA PRO B 122 17.13 2.03 -19.38
C PRO B 122 17.18 1.31 -18.05
N ARG B 123 18.07 1.71 -17.16
CA ARG B 123 18.02 1.29 -15.77
C ARG B 123 17.70 2.54 -14.96
N SER B 124 16.55 2.54 -14.28
CA SER B 124 16.14 3.73 -13.56
C SER B 124 15.03 3.38 -12.60
N PHE B 125 14.64 4.37 -11.79
CA PHE B 125 13.72 4.16 -10.69
C PHE B 125 12.66 5.23 -10.73
N ILE B 126 11.47 4.87 -10.26
CA ILE B 126 10.39 5.84 -10.18
C ILE B 126 9.80 5.75 -8.78
N PHE B 127 9.36 6.90 -8.28
CA PHE B 127 8.62 6.97 -7.02
C PHE B 127 7.37 7.78 -7.32
N LEU B 128 6.22 7.14 -7.20
CA LEU B 128 4.94 7.74 -7.57
C LEU B 128 4.09 7.91 -6.33
N TRP B 129 3.71 9.15 -6.00
CA TRP B 129 2.70 9.38 -4.97
C TRP B 129 1.31 9.04 -5.52
N CYS B 130 0.62 8.08 -4.90
CA CYS B 130 -0.66 7.56 -5.40
C CYS B 130 -1.87 7.92 -4.55
N GLY B 131 -1.68 8.60 -3.43
CA GLY B 131 -2.84 8.95 -2.63
C GLY B 131 -3.27 7.77 -1.81
N SER B 132 -4.57 7.60 -1.60
CA SER B 132 -5.04 6.49 -0.81
C SER B 132 -6.30 5.86 -1.39
N GLY B 133 -6.69 6.22 -2.61
CA GLY B 133 -7.91 5.70 -3.19
C GLY B 133 -7.64 4.88 -4.44
N GLU B 134 -8.25 5.26 -5.56
CA GLU B 134 -8.08 4.51 -6.80
C GLU B 134 -6.62 4.50 -7.26
N GLY B 135 -5.83 5.50 -6.85
CA GLY B 135 -4.44 5.56 -7.25
C GLY B 135 -3.62 4.35 -6.84
N LEU B 136 -4.03 3.63 -5.79
CA LEU B 136 -3.25 2.46 -5.44
C LEU B 136 -3.32 1.40 -6.53
N ASP B 137 -4.40 1.41 -7.31
CA ASP B 137 -4.50 0.50 -8.45
C ASP B 137 -3.97 1.13 -9.72
N LEU B 138 -4.45 2.33 -10.04
CA LEU B 138 -4.07 2.99 -11.27
C LEU B 138 -2.60 3.40 -11.28
N GLY B 139 -1.97 3.59 -10.11
CA GLY B 139 -0.54 3.89 -10.09
C GLY B 139 0.27 2.67 -10.48
N ARG B 140 -0.22 1.49 -10.11
CA ARG B 140 0.41 0.24 -10.53
C ARG B 140 0.25 0.03 -12.02
N VAL B 141 -0.92 0.37 -12.58
CA VAL B 141 -1.11 0.31 -14.02
C VAL B 141 -0.12 1.23 -14.71
N CYS B 142 0.03 2.46 -14.20
CA CYS B 142 1.00 3.42 -14.73
C CYS B 142 2.41 2.86 -14.71
N LEU B 143 2.85 2.37 -13.54
CA LEU B 143 4.16 1.79 -13.45
C LEU B 143 4.38 0.73 -14.53
N ARG B 144 3.42 -0.19 -14.68
CA ARG B 144 3.59 -1.23 -15.69
C ARG B 144 3.58 -0.64 -17.08
N LYS B 145 2.69 0.32 -17.32
CA LYS B 145 2.60 0.94 -18.62
C LYS B 145 3.95 1.54 -19.04
N TRP B 146 4.66 2.13 -18.10
CA TRP B 146 5.91 2.80 -18.39
C TRP B 146 7.12 1.88 -18.29
N GLY B 147 6.90 0.60 -18.02
CA GLY B 147 7.99 -0.35 -18.03
C GLY B 147 8.63 -0.67 -16.71
N TYR B 148 7.99 -0.36 -15.58
CA TYR B 148 8.57 -0.60 -14.27
C TYR B 148 7.88 -1.79 -13.61
N ARG B 149 8.62 -2.47 -12.75
CA ARG B 149 8.04 -3.40 -11.80
C ARG B 149 8.09 -2.74 -10.44
N ARG B 150 6.96 -2.78 -9.71
CA ARG B 150 6.95 -2.27 -8.33
C ARG B 150 7.80 -3.16 -7.43
N CYS B 151 8.77 -2.57 -6.73
CA CYS B 151 9.58 -3.33 -5.78
C CYS B 151 9.39 -2.91 -4.32
N GLU B 152 8.83 -1.72 -4.03
CA GLU B 152 8.49 -1.36 -2.66
C GLU B 152 7.21 -0.54 -2.67
N ASP B 153 6.53 -0.54 -1.54
CA ASP B 153 5.31 0.23 -1.34
C ASP B 153 5.55 1.00 -0.04
N ILE B 154 5.82 2.31 -0.15
CA ILE B 154 6.17 3.16 0.99
C ILE B 154 4.91 3.87 1.47
N CYS B 155 4.56 3.67 2.74
N CYS B 155 4.53 3.66 2.74
CA CYS B 155 3.34 4.24 3.30
CA CYS B 155 3.32 4.26 3.29
C CYS B 155 3.65 5.47 4.17
C CYS B 155 3.65 5.47 4.16
N TRP B 156 3.07 6.62 3.83
CA TRP B 156 3.13 7.81 4.67
C TRP B 156 1.96 7.72 5.65
N ILE B 157 2.28 7.42 6.91
CA ILE B 157 1.28 7.27 7.97
C ILE B 157 1.13 8.60 8.70
N LYS B 158 -0.09 9.08 8.80
CA LYS B 158 -0.36 10.44 9.26
C LYS B 158 -1.00 10.37 10.65
N THR B 159 -0.28 10.87 11.65
CA THR B 159 -0.82 10.95 13.00
C THR B 159 -1.71 12.17 13.16
N ASN B 160 -2.59 12.12 14.17
CA ASN B 160 -3.49 13.23 14.47
C ASN B 160 -3.38 13.64 15.94
N LYS B 161 -2.16 13.64 16.49
CA LYS B 161 -1.97 13.99 17.90
C LYS B 161 -2.54 15.37 18.23
N ASN B 162 -2.54 16.29 17.26
CA ASN B 162 -2.89 17.68 17.50
C ASN B 162 -4.39 17.97 17.45
N ASN B 163 -5.21 17.07 16.92
CA ASN B 163 -6.64 17.22 17.09
C ASN B 163 -7.39 15.90 16.86
N PRO B 164 -7.34 14.97 17.82
CA PRO B 164 -8.16 13.76 17.77
C PRO B 164 -9.64 14.09 17.53
N THR B 167 -12.32 13.55 11.72
CA THR B 167 -12.81 12.67 10.66
C THR B 167 -13.32 13.48 9.48
N LYS B 168 -12.66 13.33 8.33
CA LYS B 168 -12.97 14.16 7.17
C LYS B 168 -14.16 13.58 6.39
N THR B 169 -14.58 14.31 5.36
CA THR B 169 -15.59 13.82 4.41
C THR B 169 -15.09 12.53 3.77
N LEU B 170 -15.64 11.39 4.20
CA LEU B 170 -15.23 10.11 3.66
C LEU B 170 -15.62 10.00 2.19
N ASP B 171 -14.65 9.58 1.36
CA ASP B 171 -14.95 9.25 -0.03
C ASP B 171 -16.08 8.22 -0.07
N PRO B 172 -17.00 8.30 -1.02
CA PRO B 172 -18.21 7.45 -0.95
C PRO B 172 -17.92 5.96 -0.93
N LYS B 173 -16.86 5.50 -1.60
CA LYS B 173 -16.52 4.08 -1.61
C LYS B 173 -15.73 3.65 -0.38
N ALA B 174 -15.22 4.59 0.40
CA ALA B 174 -14.35 4.23 1.51
C ALA B 174 -15.10 3.43 2.56
N VAL B 175 -14.44 2.42 3.09
CA VAL B 175 -15.00 1.59 4.14
C VAL B 175 -14.45 2.06 5.48
N PHE B 176 -13.24 2.59 5.45
CA PHE B 176 -12.58 3.02 6.67
C PHE B 176 -12.14 4.46 6.52
N GLN B 177 -11.80 5.08 7.64
CA GLN B 177 -11.21 6.40 7.57
C GLN B 177 -9.80 6.29 7.03
N ARG B 178 -9.47 7.14 6.07
CA ARG B 178 -8.20 7.05 5.36
C ARG B 178 -7.18 7.95 6.04
N THR B 179 -6.16 7.34 6.67
CA THR B 179 -5.16 8.07 7.46
C THR B 179 -3.75 7.90 6.93
N LYS B 180 -3.57 7.49 5.68
CA LYS B 180 -2.24 7.24 5.12
C LYS B 180 -2.28 7.54 3.64
N GLU B 181 -1.08 7.65 3.06
CA GLU B 181 -0.88 7.76 1.63
C GLU B 181 0.25 6.82 1.23
N HIS B 182 0.29 6.44 -0.05
CA HIS B 182 1.30 5.50 -0.55
C HIS B 182 2.14 6.16 -1.63
N CYS B 183 3.43 5.86 -1.61
CA CYS B 183 4.36 6.23 -2.66
C CYS B 183 4.91 4.93 -3.21
N LEU B 184 4.68 4.67 -4.49
CA LEU B 184 5.09 3.40 -5.08
C LEU B 184 6.50 3.52 -5.64
N MET B 185 7.34 2.54 -5.35
CA MET B 185 8.70 2.53 -5.91
C MET B 185 8.77 1.46 -6.98
N GLY B 186 9.12 1.87 -8.20
CA GLY B 186 9.23 0.97 -9.32
C GLY B 186 10.64 0.97 -9.85
N ILE B 187 11.02 -0.14 -10.46
CA ILE B 187 12.34 -0.33 -11.04
C ILE B 187 12.16 -0.86 -12.45
N LYS B 188 12.89 -0.29 -13.40
CA LYS B 188 13.05 -0.89 -14.70
C LYS B 188 14.52 -1.19 -14.93
N GLY B 189 14.78 -2.30 -15.59
CA GLY B 189 16.14 -2.70 -15.88
C GLY B 189 16.72 -3.51 -14.76
N THR B 190 17.94 -3.99 -14.98
CA THR B 190 18.60 -4.81 -13.97
C THR B 190 19.08 -3.94 -12.81
N ALA B 202 23.47 -0.83 0.87
CA ALA B 202 22.73 -1.67 1.81
C ALA B 202 21.53 -0.91 2.39
N ASN B 203 20.52 -1.64 2.88
CA ASN B 203 19.29 -1.03 3.37
C ASN B 203 19.54 -0.17 4.60
N VAL B 204 19.22 1.12 4.52
CA VAL B 204 19.23 1.93 5.74
C VAL B 204 17.81 2.16 6.25
N ASP B 205 16.84 2.30 5.34
CA ASP B 205 15.52 2.82 5.69
C ASP B 205 14.44 1.74 5.71
N ILE B 206 13.32 2.09 6.33
CA ILE B 206 12.13 1.24 6.40
C ILE B 206 11.09 1.84 5.47
N ASP B 207 10.11 1.03 5.07
CA ASP B 207 9.10 1.52 4.12
C ASP B 207 7.97 2.28 4.81
N LEU B 208 8.25 3.02 5.89
CA LEU B 208 7.25 3.84 6.57
C LEU B 208 7.78 5.25 6.79
N ILE B 209 6.89 6.23 6.66
CA ILE B 209 7.13 7.60 7.08
C ILE B 209 5.98 7.99 8.00
N ILE B 210 6.31 8.54 9.17
CA ILE B 210 5.31 8.86 10.20
C ILE B 210 5.44 10.33 10.52
N THR B 211 4.46 11.12 10.11
CA THR B 211 4.44 12.52 10.46
C THR B 211 3.00 12.92 10.76
N GLU B 212 2.84 14.12 11.30
CA GLU B 212 1.53 14.58 11.72
C GLU B 212 0.76 15.06 10.50
N GLU B 213 -0.53 14.74 10.45
CA GLU B 213 -1.36 15.15 9.35
C GLU B 213 -1.24 16.65 9.13
N PRO B 214 -0.86 17.11 7.95
CA PRO B 214 -0.75 18.54 7.72
C PRO B 214 -2.10 19.22 7.74
N GLU B 215 -2.05 20.54 7.91
CA GLU B 215 -3.22 21.39 7.82
C GLU B 215 -3.99 21.10 6.54
N ILE B 216 -5.33 21.19 6.62
CA ILE B 216 -6.13 21.04 5.41
C ILE B 216 -5.71 22.09 4.38
N GLY B 217 -5.66 21.68 3.12
CA GLY B 217 -5.17 22.55 2.07
C GLY B 217 -3.66 22.57 1.91
N ASN B 218 -2.91 22.06 2.89
CA ASN B 218 -1.48 21.86 2.71
C ASN B 218 -1.28 20.52 2.00
N ILE B 219 -0.77 20.58 0.77
CA ILE B 219 -0.58 19.39 -0.03
C ILE B 219 0.84 18.85 0.01
N GLU B 220 1.76 19.49 0.73
CA GLU B 220 3.15 19.07 0.73
C GLU B 220 3.29 17.64 1.25
N LYS B 221 4.25 16.86 0.61
CA LYS B 221 4.58 15.49 1.01
C LYS B 221 5.80 15.50 1.92
N PRO B 222 5.94 14.53 2.81
CA PRO B 222 7.03 14.60 3.79
C PRO B 222 8.38 14.58 3.09
N VAL B 223 9.19 15.59 3.42
CA VAL B 223 10.52 15.72 2.86
C VAL B 223 11.33 14.45 3.07
N GLU B 224 10.93 13.59 4.01
CA GLU B 224 11.62 12.34 4.27
C GLU B 224 11.69 11.40 3.06
N ILE B 225 10.79 11.55 2.09
CA ILE B 225 10.89 10.67 0.93
C ILE B 225 12.17 10.98 0.17
N PHE B 226 12.63 12.22 0.21
CA PHE B 226 13.90 12.54 -0.43
C PHE B 226 15.05 11.83 0.26
N HIS B 227 14.96 11.64 1.58
CA HIS B 227 16.06 11.02 2.31
C HIS B 227 16.12 9.54 1.98
N ILE B 228 14.97 8.87 1.99
CA ILE B 228 14.88 7.49 1.54
C ILE B 228 15.44 7.34 0.13
N ILE B 229 15.01 8.21 -0.78
CA ILE B 229 15.42 8.07 -2.17
C ILE B 229 16.94 8.21 -2.28
N GLU B 230 17.50 9.27 -1.69
CA GLU B 230 18.94 9.53 -1.82
C GLU B 230 19.77 8.44 -1.13
N HIS B 231 19.24 7.84 -0.07
CA HIS B 231 19.96 6.79 0.62
C HIS B 231 20.13 5.53 -0.22
N PHE B 232 19.46 5.42 -1.36
CA PHE B 232 19.63 4.23 -2.20
C PHE B 232 20.87 4.28 -3.06
N CYS B 233 21.46 5.45 -3.28
CA CYS B 233 22.67 5.60 -4.10
C CYS B 233 22.43 5.11 -5.53
N LEU B 234 21.43 5.71 -6.17
CA LEU B 234 20.88 5.18 -7.42
C LEU B 234 21.42 5.80 -8.69
N GLY B 235 22.04 6.96 -8.62
CA GLY B 235 22.31 7.70 -9.85
C GLY B 235 21.89 9.14 -9.63
N ARG B 236 22.59 10.04 -10.30
CA ARG B 236 22.56 11.44 -9.91
C ARG B 236 21.63 12.26 -10.78
N ARG B 237 21.06 11.67 -11.83
CA ARG B 237 20.09 12.35 -12.68
C ARG B 237 18.73 12.10 -12.05
N ARG B 238 18.30 13.03 -11.21
CA ARG B 238 17.09 12.85 -10.41
C ARG B 238 16.10 13.95 -10.77
N LEU B 239 14.90 13.55 -11.17
CA LEU B 239 13.87 14.47 -11.63
C LEU B 239 12.65 14.42 -10.72
N HIS B 240 12.15 15.59 -10.33
CA HIS B 240 10.95 15.73 -9.50
C HIS B 240 9.92 16.44 -10.36
N LEU B 241 8.89 15.72 -10.76
CA LEU B 241 7.83 16.28 -11.57
C LEU B 241 6.73 16.75 -10.64
N PHE B 242 6.22 17.94 -10.92
CA PHE B 242 5.23 18.63 -10.09
C PHE B 242 5.81 19.07 -8.74
N GLY B 243 7.11 19.30 -8.69
CA GLY B 243 7.68 19.94 -7.54
C GLY B 243 7.30 21.40 -7.49
N ARG B 244 7.65 22.03 -6.39
CA ARG B 244 7.30 23.43 -6.15
C ARG B 244 8.54 24.19 -5.70
N ASP B 245 8.43 25.53 -5.67
CA ASP B 245 9.49 26.35 -5.09
C ASP B 245 9.98 25.76 -3.77
N SER B 246 9.05 25.27 -2.96
CA SER B 246 9.36 24.77 -1.63
C SER B 246 9.98 23.38 -1.62
N THR B 247 10.03 22.66 -2.75
CA THR B 247 10.67 21.36 -2.77
C THR B 247 12.03 21.35 -3.47
N ILE B 248 12.39 22.44 -4.15
CA ILE B 248 13.70 22.55 -4.78
C ILE B 248 14.79 22.16 -3.81
N ARG B 249 15.79 21.43 -4.30
CA ARG B 249 16.65 20.65 -3.46
C ARG B 249 17.95 20.39 -4.22
N PRO B 250 19.12 20.44 -3.57
CA PRO B 250 20.36 20.12 -4.28
C PRO B 250 20.37 18.68 -4.75
N GLY B 251 20.87 18.46 -5.96
CA GLY B 251 20.89 17.12 -6.52
C GLY B 251 19.65 16.74 -7.33
N TRP B 252 18.72 17.67 -7.53
CA TRP B 252 17.47 17.36 -8.19
C TRP B 252 17.17 18.41 -9.25
N LEU B 253 16.52 17.98 -10.32
CA LEU B 253 15.90 18.89 -11.25
C LEU B 253 14.40 18.89 -10.99
N THR B 254 13.85 20.06 -10.71
CA THR B 254 12.46 20.19 -10.32
C THR B 254 11.68 20.86 -11.44
N VAL B 255 10.59 20.22 -11.88
CA VAL B 255 9.74 20.75 -12.94
C VAL B 255 8.30 20.80 -12.46
N GLY B 256 7.66 21.95 -12.62
CA GLY B 256 6.31 22.13 -12.14
C GLY B 256 5.70 23.40 -12.64
N PRO B 257 4.37 23.43 -12.72
CA PRO B 257 3.70 24.65 -13.20
C PRO B 257 3.73 25.82 -12.22
N THR B 258 3.95 25.59 -10.93
CA THR B 258 3.91 26.71 -10.00
C THR B 258 5.28 27.28 -9.63
N LEU B 259 6.37 26.83 -10.27
CA LEU B 259 7.66 27.44 -9.98
C LEU B 259 7.65 28.91 -10.40
N THR B 260 8.17 29.78 -9.54
CA THR B 260 8.22 31.19 -9.89
C THR B 260 9.42 31.53 -10.77
N ASN B 261 10.50 30.75 -10.70
CA ASN B 261 11.72 31.03 -11.44
C ASN B 261 12.24 29.73 -12.03
N SER B 262 13.03 29.87 -13.09
CA SER B 262 13.69 28.76 -13.75
C SER B 262 15.17 29.07 -13.94
N ASN B 263 16.01 28.07 -13.77
CA ASN B 263 17.40 28.19 -14.16
C ASN B 263 17.84 27.01 -15.03
N TYR B 264 16.90 26.23 -15.55
CA TYR B 264 17.25 25.01 -16.29
C TYR B 264 17.92 25.37 -17.60
N ASN B 265 19.02 24.67 -17.89
CA ASN B 265 19.64 24.68 -19.21
C ASN B 265 20.11 23.26 -19.49
N ALA B 266 19.67 22.70 -20.62
CA ALA B 266 19.92 21.30 -20.91
C ALA B 266 21.41 21.00 -21.00
N GLU B 267 22.16 21.83 -21.71
CA GLU B 267 23.59 21.61 -21.84
C GLU B 267 24.29 21.80 -20.50
N THR B 268 23.99 22.89 -19.78
CA THR B 268 24.51 23.02 -18.43
C THR B 268 24.19 21.79 -17.61
N TYR B 269 22.91 21.37 -17.59
CA TYR B 269 22.53 20.18 -16.83
C TYR B 269 23.33 18.97 -17.29
N ALA B 270 23.37 18.74 -18.62
CA ALA B 270 24.12 17.61 -19.16
C ALA B 270 25.58 17.62 -18.67
N SER B 271 26.16 18.82 -18.59
CA SER B 271 27.56 18.95 -18.22
C SER B 271 27.86 18.33 -16.85
N TYR B 272 26.89 18.32 -15.93
CA TYR B 272 27.17 17.81 -14.58
C TYR B 272 27.45 16.33 -14.57
N PHE B 273 27.10 15.63 -15.64
CA PHE B 273 27.22 14.18 -15.70
C PHE B 273 28.15 13.74 -16.82
N SER B 274 28.72 14.68 -17.56
CA SER B 274 29.74 14.40 -18.55
C SER B 274 30.97 13.80 -17.87
N ALA B 275 31.77 13.08 -18.66
CA ALA B 275 32.90 12.33 -18.13
C ALA B 275 33.84 13.26 -17.35
N PRO B 276 34.44 12.78 -16.25
CA PRO B 276 34.37 11.40 -15.76
C PRO B 276 33.29 11.12 -14.71
N ASN B 277 32.17 11.85 -14.74
CA ASN B 277 31.15 11.78 -13.71
C ASN B 277 29.96 10.90 -14.09
N SER B 278 30.08 10.13 -15.17
CA SER B 278 28.95 9.45 -15.81
C SER B 278 28.14 8.57 -14.86
N TYR B 279 28.65 7.38 -14.54
CA TYR B 279 27.90 6.37 -13.81
C TYR B 279 28.11 6.45 -12.30
N LEU B 280 28.38 7.64 -11.77
CA LEU B 280 28.52 7.81 -10.33
C LEU B 280 27.25 7.39 -9.62
N THR B 281 27.41 6.73 -8.47
CA THR B 281 26.24 6.34 -7.69
C THR B 281 25.61 7.51 -6.95
N GLY B 282 26.31 8.64 -6.83
CA GLY B 282 25.90 9.69 -5.94
C GLY B 282 26.25 9.46 -4.49
N CYS B 283 26.88 8.32 -4.19
CA CYS B 283 27.34 7.99 -2.84
C CYS B 283 28.84 7.74 -2.82
N THR B 284 29.57 8.33 -3.77
CA THR B 284 31.01 8.15 -3.90
C THR B 284 31.71 9.46 -3.60
N GLU B 285 33.00 9.37 -3.29
CA GLU B 285 33.82 10.57 -3.15
C GLU B 285 34.08 11.18 -4.52
N GLU B 286 34.40 12.46 -4.53
CA GLU B 286 34.65 13.17 -5.78
C GLU B 286 35.89 12.61 -6.49
N ILE B 287 35.85 12.62 -7.81
CA ILE B 287 36.96 12.08 -8.62
C ILE B 287 38.18 12.99 -8.53
C10 UDW C . -6.29 -25.27 3.33
C10 UDW C . -6.27 -25.24 3.53
C15 UDW C . -2.78 -23.43 6.91
C15 UDW C . -2.80 -23.45 6.89
C20 UDW C . -1.89 -23.44 4.12
C20 UDW C . -1.76 -23.65 4.17
C21 UDW C . -3.79 -24.82 2.40
C21 UDW C . -3.84 -24.81 2.45
C22 UDW C . -1.12 -27.43 -0.45
C22 UDW C . -2.86 -28.07 0.93
C24 UDW C . -1.12 -29.59 0.58
C24 UDW C . -0.87 -29.33 0.52
C03 UDW C . -2.39 -29.35 1.08
C03 UDW C . -0.42 -28.35 -0.35
C04 UDW C . -3.03 -28.14 0.81
C04 UDW C . -1.20 -27.23 -0.57
C05 UDW C . -2.39 -27.18 0.04
C05 UDW C . -2.42 -27.09 0.06
C06 UDW C . -3.06 -25.84 -0.26
C06 UDW C . -3.24 -25.83 -0.21
C08 UDW C . -4.72 -25.41 1.61
C08 UDW C . -4.80 -25.46 1.75
C12 UDW C . -4.15 -24.47 3.67
C12 UDW C . -4.13 -24.38 3.72
C14 UDW C . -3.77 -23.24 5.78
C14 UDW C . -3.64 -23.01 5.71
C16 UDW C . -3.36 -22.86 8.19
C16 UDW C . -3.35 -22.86 8.18
C18 UDW C . -1.48 -22.72 6.54
C18 UDW C . -1.36 -23.00 6.62
C19 UDW C . -0.88 -23.36 5.28
C19 UDW C . -0.81 -23.73 5.38
C23 UDW C . -0.49 -28.63 -0.19
C23 UDW C . -2.08 -29.20 1.16
N01 UDW C . -3.63 -31.99 1.15
N01 UDW C . 1.97 -27.02 -1.30
N07 UDW C . -4.42 -25.81 0.24
N07 UDW C . -4.56 -25.94 0.40
N09 UDW C . -5.95 -25.63 2.07
N09 UDW C . -6.00 -25.67 2.28
N11 UDW C . -5.37 -24.69 4.12
N11 UDW C . -5.33 -24.60 4.24
N13 UDW C . -3.21 -23.85 4.58
N13 UDW C . -3.16 -23.69 4.53
O17 UDW C . -4.44 -23.68 8.57
O17 UDW C . -4.45 -23.64 8.57
O25 UDW C . -2.35 -30.98 3.20
O25 UDW C . 2.00 -29.53 -0.50
O26 UDW C . -4.40 -30.09 2.77
O26 UDW C . 0.99 -29.14 -2.51
S02 UDW C . -3.22 -30.63 2.07
S02 UDW C . 1.17 -28.53 -1.18
C ACT D . 3.62 -3.96 -10.99
O ACT D . 4.78 -4.41 -10.76
OXT ACT D . 2.59 -4.57 -11.38
CH3 ACT D . 3.39 -2.38 -10.81
#